data_2PVH
#
_entry.id   2PVH
#
_cell.length_a   142.294
_cell.length_b   59.274
_cell.length_c   44.943
_cell.angle_alpha   90.00
_cell.angle_beta   102.96
_cell.angle_gamma   90.00
#
_symmetry.space_group_name_H-M   'C 1 2 1'
#
loop_
_entity.id
_entity.type
_entity.pdbx_description
1 polymer 'Casein kinase II subunit alpha'
2 non-polymer "N,N'-DIPHENYLPYRAZOLO[1,5-A][1,3,5]TRIAZINE-2,4-DIAMINE"
3 water water
#
_entity_poly.entity_id   1
_entity_poly.type   'polypeptide(L)'
_entity_poly.pdbx_seq_one_letter_code
;MGSSHHHHHHSSGLVPRGSHMSKARVYADVNVLRPKEYWDYEALTVQWGEQDDYEVVRKVGRGKYSEVFEGINVNNNEKC
IIKILKPVKKKKIKREIKILQNL(CSO)GGPNIVKLLDIVRDQHSKTPSLIFEYVNNTDFKVLYPTLTDYDIRYYIYELL
KALDYCHSQGIMHRDVKPHNVMIDHELRKLRLIDWGLAEFYHPGKEYNVRVASRYFKGPELLVDLQDYDYSLDMWSLGCM
FAGMIFRKEPFFYGHDNHDQLVKIAKVLGTDGLNAYLNKYRIELDPQLEALVGRHSRKPWLKFMNADNQHLVSPEAIDFL
DKLLRYDHQERLTALEAMTHPYFQQVRAAENSRTRA
;
_entity_poly.pdbx_strand_id   A
#
loop_
_chem_comp.id
_chem_comp.type
_chem_comp.name
_chem_comp.formula
P19 non-polymer N,N'-DIPHENYLPYRAZOLO[1,5-A][1,3,5]TRIAZINE-2,4-DIAMINE 'C17 H14 N6'
#
# COMPACT_ATOMS: atom_id res chain seq x y z
N MET A 21 8.50 -17.69 -14.52
CA MET A 21 7.72 -16.74 -15.35
C MET A 21 6.40 -16.38 -14.67
N SER A 22 6.48 -15.53 -13.64
CA SER A 22 5.28 -15.14 -12.89
C SER A 22 4.47 -14.03 -13.54
N LYS A 23 3.15 -14.12 -13.41
CA LYS A 23 2.28 -13.08 -13.92
C LYS A 23 1.04 -12.98 -13.03
N ALA A 24 0.39 -11.82 -13.07
CA ALA A 24 -0.80 -11.58 -12.25
C ALA A 24 -1.93 -12.53 -12.67
N ARG A 25 -2.68 -13.03 -11.70
CA ARG A 25 -3.79 -13.92 -11.99
C ARG A 25 -5.04 -13.14 -12.41
N VAL A 26 -5.03 -11.82 -12.20
CA VAL A 26 -6.15 -10.98 -12.59
C VAL A 26 -5.64 -9.65 -13.13
N TYR A 27 -6.46 -8.98 -13.92
CA TYR A 27 -6.13 -7.69 -14.53
C TYR A 27 -4.77 -7.68 -15.23
N ALA A 28 -4.29 -8.86 -15.60
CA ALA A 28 -3.01 -8.99 -16.25
C ALA A 28 -2.89 -8.24 -17.58
N ASP A 29 -4.00 -8.13 -18.32
CA ASP A 29 -3.96 -7.46 -19.62
C ASP A 29 -4.50 -6.03 -19.68
N VAL A 30 -4.71 -5.41 -18.52
CA VAL A 30 -5.24 -4.06 -18.48
C VAL A 30 -4.44 -3.05 -19.31
N ASN A 31 -3.14 -2.97 -19.09
CA ASN A 31 -2.31 -2.03 -19.85
C ASN A 31 -2.02 -2.52 -21.26
N VAL A 32 -2.22 -3.82 -21.49
CA VAL A 32 -2.00 -4.39 -22.81
C VAL A 32 -3.12 -3.91 -23.73
N LEU A 33 -4.32 -3.79 -23.18
CA LEU A 33 -5.48 -3.36 -23.94
C LEU A 33 -5.67 -1.85 -24.06
N ARG A 34 -5.08 -1.08 -23.17
CA ARG A 34 -5.24 0.37 -23.22
C ARG A 34 -4.20 1.07 -24.09
N PRO A 35 -4.55 2.25 -24.63
CA PRO A 35 -3.66 3.04 -25.48
C PRO A 35 -2.34 3.31 -24.78
N LYS A 36 -1.24 3.26 -25.53
CA LYS A 36 0.08 3.48 -24.97
C LYS A 36 0.17 4.77 -24.16
N GLU A 37 -0.68 5.75 -24.48
CA GLU A 37 -0.67 7.01 -23.75
C GLU A 37 -1.20 6.89 -22.32
N TYR A 38 -1.93 5.82 -22.03
CA TYR A 38 -2.47 5.61 -20.69
C TYR A 38 -1.35 5.27 -19.71
N TRP A 39 -0.46 4.37 -20.12
CA TRP A 39 0.65 3.93 -19.28
C TRP A 39 2.03 4.50 -19.61
N ASP A 40 2.18 5.14 -20.75
CA ASP A 40 3.48 5.70 -21.11
C ASP A 40 3.69 7.04 -20.41
N TYR A 41 3.94 6.98 -19.10
CA TYR A 41 4.13 8.19 -18.30
C TYR A 41 5.32 9.08 -18.65
N GLU A 42 6.28 8.55 -19.41
CA GLU A 42 7.45 9.34 -19.80
C GLU A 42 7.14 10.31 -20.95
N ALA A 43 6.00 10.11 -21.61
CA ALA A 43 5.58 10.97 -22.72
C ALA A 43 4.73 12.12 -22.21
N LEU A 44 4.39 12.08 -20.92
CA LEU A 44 3.56 13.10 -20.30
C LEU A 44 4.20 14.49 -20.39
N THR A 45 3.39 15.49 -20.71
CA THR A 45 3.85 16.86 -20.78
C THR A 45 3.06 17.59 -19.71
N VAL A 46 3.69 17.78 -18.56
CA VAL A 46 3.05 18.44 -17.43
C VAL A 46 2.55 19.85 -17.74
N GLN A 47 1.30 20.11 -17.37
CA GLN A 47 0.70 21.42 -17.56
C GLN A 47 0.68 22.07 -16.18
N TRP A 48 1.69 22.88 -15.90
CA TRP A 48 1.81 23.53 -14.59
C TRP A 48 0.75 24.59 -14.28
N GLY A 49 0.17 24.47 -13.09
CA GLY A 49 -0.85 25.42 -12.66
C GLY A 49 -0.23 26.67 -12.07
N GLU A 50 -0.94 27.32 -11.16
CA GLU A 50 -0.43 28.54 -10.54
C GLU A 50 0.03 28.38 -9.10
N GLN A 51 1.34 28.52 -8.92
CA GLN A 51 1.98 28.40 -7.61
C GLN A 51 1.31 29.21 -6.49
N ASP A 52 0.95 30.46 -6.79
CA ASP A 52 0.32 31.34 -5.80
C ASP A 52 -1.10 31.00 -5.40
N ASP A 53 -1.77 30.15 -6.17
CA ASP A 53 -3.14 29.78 -5.83
C ASP A 53 -3.22 29.01 -4.52
N TYR A 54 -2.10 28.44 -4.10
CA TYR A 54 -2.11 27.65 -2.87
C TYR A 54 -1.08 28.15 -1.84
N GLU A 55 -1.53 28.27 -0.60
CA GLU A 55 -0.68 28.74 0.49
C GLU A 55 -0.57 27.75 1.65
N VAL A 56 0.63 27.64 2.20
CA VAL A 56 0.87 26.74 3.32
C VAL A 56 0.27 27.26 4.61
N VAL A 57 -0.46 26.38 5.29
CA VAL A 57 -1.09 26.72 6.56
C VAL A 57 -0.28 26.12 7.71
N ARG A 58 0.08 24.85 7.58
CA ARG A 58 0.84 24.16 8.62
C ARG A 58 1.38 22.83 8.12
N LYS A 59 2.57 22.48 8.58
CA LYS A 59 3.18 21.22 8.19
C LYS A 59 2.42 20.11 8.91
N VAL A 60 2.11 19.04 8.19
CA VAL A 60 1.37 17.94 8.79
C VAL A 60 2.05 16.59 8.60
N GLY A 61 3.01 16.54 7.68
CA GLY A 61 3.71 15.30 7.43
C GLY A 61 5.03 15.49 6.71
N ARG A 62 5.84 14.45 6.70
CA ARG A 62 7.15 14.51 6.06
C ARG A 62 7.64 13.09 5.74
N GLY A 63 8.52 12.99 4.77
CA GLY A 63 9.07 11.70 4.37
C GLY A 63 10.37 11.93 3.63
N LYS A 64 11.02 10.87 3.16
CA LYS A 64 12.27 11.04 2.45
C LYS A 64 12.11 11.56 1.03
N TYR A 65 10.87 11.61 0.52
CA TYR A 65 10.66 12.10 -0.84
C TYR A 65 9.85 13.39 -0.89
N SER A 66 9.36 13.85 0.26
CA SER A 66 8.56 15.07 0.27
C SER A 66 8.21 15.58 1.66
N GLU A 67 7.62 16.78 1.68
CA GLU A 67 7.13 17.42 2.89
C GLU A 67 5.67 17.75 2.59
N VAL A 68 4.79 17.46 3.54
CA VAL A 68 3.37 17.68 3.34
C VAL A 68 2.82 18.75 4.28
N PHE A 69 1.98 19.64 3.75
CA PHE A 69 1.40 20.72 4.55
C PHE A 69 -0.09 20.86 4.30
N GLU A 70 -0.83 21.26 5.34
CA GLU A 70 -2.25 21.52 5.15
C GLU A 70 -2.21 22.89 4.49
N GLY A 71 -3.00 23.09 3.45
CA GLY A 71 -2.98 24.37 2.78
C GLY A 71 -4.34 24.96 2.56
N ILE A 72 -4.37 26.05 1.80
CA ILE A 72 -5.61 26.73 1.49
C ILE A 72 -5.58 27.24 0.07
N ASN A 73 -6.64 26.97 -0.68
CA ASN A 73 -6.76 27.43 -2.05
C ASN A 73 -7.22 28.87 -1.91
N VAL A 74 -6.32 29.82 -2.19
CA VAL A 74 -6.65 31.24 -2.03
C VAL A 74 -7.88 31.67 -2.82
N ASN A 75 -8.17 30.98 -3.92
CA ASN A 75 -9.34 31.30 -4.73
C ASN A 75 -10.65 31.00 -4.00
N ASN A 76 -10.91 29.72 -3.77
CA ASN A 76 -12.14 29.28 -3.10
C ASN A 76 -12.08 29.23 -1.57
N ASN A 77 -10.89 29.42 -1.01
CA ASN A 77 -10.70 29.40 0.43
C ASN A 77 -11.00 28.05 1.08
N GLU A 78 -10.97 26.98 0.29
CA GLU A 78 -11.21 25.65 0.84
C GLU A 78 -9.87 25.02 1.19
N LYS A 79 -9.88 24.03 2.07
CA LYS A 79 -8.66 23.35 2.47
C LYS A 79 -8.07 22.50 1.35
N CYS A 80 -6.80 22.15 1.49
CA CYS A 80 -6.11 21.33 0.50
C CYS A 80 -4.84 20.78 1.12
N ILE A 81 -4.18 19.87 0.41
CA ILE A 81 -2.94 19.29 0.90
C ILE A 81 -1.86 19.68 -0.09
N ILE A 82 -0.76 20.22 0.43
CA ILE A 82 0.34 20.63 -0.42
C ILE A 82 1.52 19.74 -0.17
N LYS A 83 1.80 18.90 -1.16
CA LYS A 83 2.91 17.96 -1.09
C LYS A 83 4.08 18.53 -1.87
N ILE A 84 5.05 19.09 -1.16
CA ILE A 84 6.23 19.66 -1.80
C ILE A 84 7.23 18.53 -2.02
N LEU A 85 7.59 18.27 -3.26
CA LEU A 85 8.51 17.18 -3.57
C LEU A 85 9.99 17.52 -3.44
N LYS A 86 10.74 16.60 -2.84
CA LYS A 86 12.17 16.78 -2.70
C LYS A 86 12.81 16.44 -4.05
N PRO A 87 14.05 16.89 -4.28
CA PRO A 87 14.74 16.62 -5.55
C PRO A 87 14.61 15.17 -6.00
N VAL A 88 14.15 14.98 -7.23
CA VAL A 88 13.98 13.64 -7.78
C VAL A 88 13.96 13.66 -9.31
N LYS A 89 14.30 12.54 -9.94
CA LYS A 89 14.32 12.44 -11.40
C LYS A 89 12.99 12.79 -12.04
N LYS A 90 13.07 13.50 -13.17
CA LYS A 90 11.90 13.92 -13.92
C LYS A 90 10.98 12.74 -14.25
N LYS A 91 11.59 11.58 -14.48
CA LYS A 91 10.84 10.37 -14.81
C LYS A 91 9.92 9.93 -13.68
N LYS A 92 10.43 9.94 -12.45
CA LYS A 92 9.65 9.53 -11.31
C LYS A 92 8.46 10.45 -11.02
N ILE A 93 8.65 11.75 -11.20
CA ILE A 93 7.57 12.70 -10.94
C ILE A 93 6.44 12.57 -11.97
N LYS A 94 6.80 12.32 -13.22
CA LYS A 94 5.76 12.16 -14.25
C LYS A 94 4.99 10.87 -13.97
N ARG A 95 5.67 9.89 -13.38
CA ARG A 95 5.04 8.62 -13.07
C ARG A 95 3.94 8.78 -12.02
N GLU A 96 4.25 9.49 -10.94
CA GLU A 96 3.27 9.68 -9.89
C GLU A 96 2.10 10.51 -10.40
N ILE A 97 2.39 11.51 -11.22
CA ILE A 97 1.37 12.38 -11.78
C ILE A 97 0.43 11.61 -12.70
N LYS A 98 1.00 10.85 -13.62
CA LYS A 98 0.22 10.06 -14.56
C LYS A 98 -0.68 9.08 -13.82
N ILE A 99 -0.12 8.42 -12.82
CA ILE A 99 -0.90 7.47 -12.03
C ILE A 99 -2.02 8.18 -11.27
N LEU A 100 -1.73 9.36 -10.72
CA LEU A 100 -2.76 10.10 -9.98
C LEU A 100 -3.89 10.54 -10.92
N GLN A 101 -3.54 10.94 -12.12
CA GLN A 101 -4.54 11.37 -13.08
C GLN A 101 -5.39 10.18 -13.51
N ASN A 102 -4.75 9.04 -13.74
CA ASN A 102 -5.47 7.84 -14.15
C ASN A 102 -6.42 7.32 -13.07
N LEU A 103 -6.04 7.47 -11.81
CA LEU A 103 -6.88 7.00 -10.72
C LEU A 103 -7.86 8.01 -10.15
N CSO A 104 -7.65 9.29 -10.45
CA CSO A 104 -8.53 10.36 -9.94
CB CSO A 104 -8.27 11.67 -10.67
SG CSO A 104 -9.00 13.17 -9.90
C CSO A 104 -10.01 9.97 -10.09
O CSO A 104 -10.46 9.66 -11.19
OD CSO A 104 -10.62 13.18 -10.30
N GLY A 105 -10.74 10.00 -8.98
CA GLY A 105 -12.15 9.67 -9.02
C GLY A 105 -12.51 8.28 -8.54
N GLY A 106 -11.51 7.41 -8.41
CA GLY A 106 -11.76 6.05 -7.95
C GLY A 106 -12.10 5.95 -6.48
N PRO A 107 -12.68 4.83 -6.03
CA PRO A 107 -13.06 4.59 -4.64
C PRO A 107 -11.89 4.77 -3.68
N ASN A 108 -12.03 5.72 -2.77
CA ASN A 108 -11.03 6.03 -1.76
C ASN A 108 -9.61 6.36 -2.27
N ILE A 109 -9.51 6.86 -3.50
CA ILE A 109 -8.21 7.25 -4.04
C ILE A 109 -8.02 8.74 -3.78
N VAL A 110 -6.87 9.11 -3.21
CA VAL A 110 -6.59 10.51 -2.96
C VAL A 110 -6.82 11.25 -4.29
N LYS A 111 -7.34 12.47 -4.22
CA LYS A 111 -7.64 13.24 -5.43
C LYS A 111 -6.64 14.36 -5.76
N LEU A 112 -5.92 14.19 -6.86
CA LEU A 112 -4.96 15.20 -7.29
C LEU A 112 -5.73 16.35 -7.93
N LEU A 113 -5.64 17.54 -7.34
CA LEU A 113 -6.34 18.72 -7.84
C LEU A 113 -5.52 19.64 -8.74
N ASP A 114 -4.23 19.77 -8.45
CA ASP A 114 -3.36 20.66 -9.24
C ASP A 114 -1.89 20.29 -9.10
N ILE A 115 -1.07 20.84 -9.99
CA ILE A 115 0.37 20.60 -10.01
C ILE A 115 1.04 21.96 -10.24
N VAL A 116 1.96 22.34 -9.36
CA VAL A 116 2.64 23.62 -9.50
C VAL A 116 4.12 23.52 -9.14
N ARG A 117 4.90 24.51 -9.59
CA ARG A 117 6.32 24.53 -9.33
C ARG A 117 6.82 25.92 -8.98
N ASP A 118 7.93 25.97 -8.26
CA ASP A 118 8.54 27.23 -7.87
C ASP A 118 9.41 27.64 -9.07
N GLN A 119 9.12 28.79 -9.65
CA GLN A 119 9.87 29.26 -10.82
C GLN A 119 11.39 29.20 -10.66
N HIS A 120 11.92 29.82 -9.61
CA HIS A 120 13.37 29.86 -9.39
C HIS A 120 14.04 28.51 -9.12
N SER A 121 13.56 27.78 -8.11
CA SER A 121 14.17 26.48 -7.76
C SER A 121 13.62 25.32 -8.57
N LYS A 122 12.42 25.49 -9.12
CA LYS A 122 11.77 24.45 -9.89
C LYS A 122 11.24 23.37 -8.97
N THR A 123 11.16 23.70 -7.68
CA THR A 123 10.64 22.78 -6.69
C THR A 123 9.16 22.56 -7.00
N PRO A 124 8.78 21.31 -7.32
CA PRO A 124 7.37 21.03 -7.64
C PRO A 124 6.49 20.71 -6.43
N SER A 125 5.21 21.05 -6.55
CA SER A 125 4.23 20.78 -5.49
C SER A 125 2.97 20.18 -6.09
N LEU A 126 2.46 19.13 -5.47
CA LEU A 126 1.22 18.50 -5.94
C LEU A 126 0.11 18.90 -4.98
N ILE A 127 -1.00 19.37 -5.52
CA ILE A 127 -2.12 19.80 -4.68
C ILE A 127 -3.20 18.72 -4.64
N PHE A 128 -3.58 18.34 -3.43
CA PHE A 128 -4.58 17.29 -3.22
C PHE A 128 -5.77 17.78 -2.39
N GLU A 129 -6.92 17.13 -2.58
CA GLU A 129 -8.12 17.47 -1.83
C GLU A 129 -7.70 17.19 -0.38
N TYR A 130 -8.28 17.90 0.57
CA TYR A 130 -7.91 17.71 1.98
C TYR A 130 -8.57 16.52 2.68
N VAL A 131 -7.84 15.94 3.63
CA VAL A 131 -8.35 14.83 4.42
C VAL A 131 -7.83 15.02 5.83
N ASN A 132 -8.74 15.13 6.79
CA ASN A 132 -8.35 15.33 8.17
C ASN A 132 -8.04 13.99 8.82
N ASN A 133 -6.79 13.57 8.67
CA ASN A 133 -6.33 12.29 9.21
C ASN A 133 -6.03 12.30 10.71
N THR A 134 -5.97 11.10 11.30
CA THR A 134 -5.63 10.94 12.71
C THR A 134 -4.50 9.93 12.78
N ASP A 135 -3.32 10.37 13.24
CA ASP A 135 -2.16 9.50 13.36
C ASP A 135 -2.56 8.09 13.78
N PHE A 136 -2.17 7.10 12.98
CA PHE A 136 -2.53 5.71 13.25
C PHE A 136 -2.03 5.16 14.56
N LYS A 137 -0.94 5.71 15.07
CA LYS A 137 -0.37 5.26 16.34
C LYS A 137 -1.35 5.52 17.48
N VAL A 138 -2.19 6.53 17.32
CA VAL A 138 -3.16 6.89 18.33
C VAL A 138 -4.56 6.38 17.96
N LEU A 139 -4.88 6.40 16.67
CA LEU A 139 -6.20 5.94 16.20
C LEU A 139 -6.45 4.44 16.36
N TYR A 140 -5.58 3.63 15.75
CA TYR A 140 -5.72 2.17 15.77
C TYR A 140 -6.09 1.55 17.11
N PRO A 141 -5.38 1.92 18.19
CA PRO A 141 -5.67 1.36 19.52
C PRO A 141 -7.12 1.55 20.00
N THR A 142 -7.83 2.51 19.40
CA THR A 142 -9.21 2.77 19.81
C THR A 142 -10.25 2.20 18.84
N LEU A 143 -9.79 1.72 17.69
CA LEU A 143 -10.70 1.15 16.70
C LEU A 143 -11.38 -0.10 17.25
N THR A 144 -12.68 -0.21 17.05
CA THR A 144 -13.41 -1.38 17.52
C THR A 144 -13.28 -2.51 16.49
N ASP A 145 -13.74 -3.70 16.85
CA ASP A 145 -13.70 -4.84 15.95
C ASP A 145 -14.35 -4.47 14.62
N TYR A 146 -15.51 -3.82 14.69
CA TYR A 146 -16.20 -3.45 13.47
C TYR A 146 -15.48 -2.36 12.68
N ASP A 147 -14.81 -1.46 13.39
CA ASP A 147 -14.07 -0.38 12.73
C ASP A 147 -12.97 -0.95 11.86
N ILE A 148 -12.31 -1.99 12.37
CA ILE A 148 -11.24 -2.61 11.63
C ILE A 148 -11.75 -3.23 10.32
N ARG A 149 -12.90 -3.90 10.40
CA ARG A 149 -13.49 -4.53 9.22
C ARG A 149 -13.87 -3.45 8.22
N TYR A 150 -14.56 -2.43 8.72
CA TYR A 150 -15.00 -1.33 7.89
C TYR A 150 -13.83 -0.66 7.15
N TYR A 151 -12.83 -0.18 7.89
CA TYR A 151 -11.70 0.49 7.25
C TYR A 151 -10.87 -0.40 6.34
N ILE A 152 -10.61 -1.65 6.74
CA ILE A 152 -9.85 -2.55 5.90
C ILE A 152 -10.64 -2.80 4.61
N TYR A 153 -11.97 -2.84 4.73
CA TYR A 153 -12.82 -3.04 3.55
C TYR A 153 -12.68 -1.83 2.63
N GLU A 154 -12.74 -0.63 3.19
CA GLU A 154 -12.61 0.59 2.38
C GLU A 154 -11.25 0.65 1.69
N LEU A 155 -10.20 0.24 2.40
CA LEU A 155 -8.86 0.26 1.81
C LEU A 155 -8.85 -0.74 0.66
N LEU A 156 -9.60 -1.83 0.83
CA LEU A 156 -9.70 -2.87 -0.20
C LEU A 156 -10.36 -2.36 -1.48
N LYS A 157 -11.30 -1.43 -1.35
CA LYS A 157 -11.95 -0.88 -2.54
C LYS A 157 -10.89 -0.13 -3.34
N ALA A 158 -10.02 0.59 -2.64
CA ALA A 158 -8.97 1.35 -3.28
C ALA A 158 -7.98 0.46 -4.03
N LEU A 159 -7.61 -0.66 -3.40
CA LEU A 159 -6.66 -1.57 -4.04
C LEU A 159 -7.27 -2.30 -5.24
N ASP A 160 -8.49 -2.81 -5.11
CA ASP A 160 -9.10 -3.49 -6.25
C ASP A 160 -9.27 -2.49 -7.38
N TYR A 161 -9.58 -1.24 -7.03
CA TYR A 161 -9.72 -0.25 -8.08
C TYR A 161 -8.41 0.03 -8.81
N CYS A 162 -7.35 0.35 -8.08
CA CYS A 162 -6.10 0.66 -8.76
C CYS A 162 -5.59 -0.55 -9.52
N HIS A 163 -5.75 -1.74 -8.96
CA HIS A 163 -5.31 -2.95 -9.66
C HIS A 163 -6.11 -3.13 -10.96
N SER A 164 -7.42 -2.86 -10.91
CA SER A 164 -8.27 -2.99 -12.10
C SER A 164 -7.88 -1.99 -13.17
N GLN A 165 -7.11 -0.97 -12.78
CA GLN A 165 -6.64 0.06 -13.70
C GLN A 165 -5.18 -0.18 -14.05
N GLY A 166 -4.72 -1.42 -13.81
CA GLY A 166 -3.35 -1.79 -14.12
C GLY A 166 -2.24 -1.13 -13.32
N ILE A 167 -2.52 -0.76 -12.08
CA ILE A 167 -1.53 -0.10 -11.25
C ILE A 167 -1.33 -0.74 -9.87
N MET A 168 -0.06 -0.87 -9.48
CA MET A 168 0.33 -1.42 -8.19
C MET A 168 0.73 -0.25 -7.31
N HIS A 169 0.24 -0.17 -6.08
CA HIS A 169 0.61 0.95 -5.22
C HIS A 169 2.07 0.81 -4.75
N ARG A 170 2.43 -0.41 -4.35
CA ARG A 170 3.78 -0.74 -3.91
C ARG A 170 4.32 -0.08 -2.63
N ASP A 171 3.44 0.49 -1.82
CA ASP A 171 3.89 1.11 -0.58
C ASP A 171 2.73 1.22 0.41
N VAL A 172 1.90 0.18 0.44
CA VAL A 172 0.76 0.13 1.34
C VAL A 172 1.27 0.01 2.79
N LYS A 173 0.78 0.91 3.65
CA LYS A 173 1.15 0.94 5.05
C LYS A 173 0.29 2.01 5.75
N PRO A 174 0.10 1.90 7.07
CA PRO A 174 -0.71 2.85 7.84
C PRO A 174 -0.51 4.32 7.47
N HIS A 175 0.74 4.73 7.35
CA HIS A 175 1.10 6.11 7.02
C HIS A 175 0.56 6.59 5.68
N ASN A 176 0.23 5.67 4.79
CA ASN A 176 -0.28 6.04 3.47
C ASN A 176 -1.78 5.84 3.36
N VAL A 177 -2.39 5.59 4.51
CA VAL A 177 -3.83 5.42 4.58
C VAL A 177 -4.37 6.53 5.49
N MET A 178 -4.92 7.56 4.87
CA MET A 178 -5.48 8.68 5.60
C MET A 178 -6.86 8.30 6.09
N ILE A 179 -7.10 8.48 7.38
CA ILE A 179 -8.40 8.17 7.95
C ILE A 179 -8.99 9.31 8.76
N ASP A 180 -10.17 9.76 8.36
CA ASP A 180 -10.89 10.80 9.10
C ASP A 180 -11.87 9.98 9.92
N HIS A 181 -11.48 9.62 11.14
CA HIS A 181 -12.33 8.78 11.99
C HIS A 181 -13.69 9.37 12.32
N GLU A 182 -13.78 10.70 12.35
CA GLU A 182 -15.04 11.37 12.64
C GLU A 182 -16.04 11.12 11.51
N LEU A 183 -15.60 11.34 10.28
CA LEU A 183 -16.45 11.16 9.11
C LEU A 183 -16.34 9.76 8.52
N ARG A 184 -15.52 8.92 9.15
CA ARG A 184 -15.28 7.56 8.69
C ARG A 184 -14.94 7.50 7.20
N LYS A 185 -14.09 8.42 6.78
CA LYS A 185 -13.64 8.51 5.39
C LYS A 185 -12.20 8.00 5.29
N LEU A 186 -11.90 7.29 4.21
CA LEU A 186 -10.57 6.74 4.02
C LEU A 186 -9.99 7.05 2.65
N ARG A 187 -8.70 7.34 2.61
CA ARG A 187 -8.03 7.65 1.35
C ARG A 187 -6.66 7.00 1.30
N LEU A 188 -6.37 6.34 0.19
CA LEU A 188 -5.07 5.72 -0.02
C LEU A 188 -4.23 6.81 -0.68
N ILE A 189 -3.13 7.18 -0.03
CA ILE A 189 -2.26 8.24 -0.54
C ILE A 189 -0.85 7.80 -0.91
N ASP A 190 -0.07 8.80 -1.33
CA ASP A 190 1.32 8.70 -1.74
C ASP A 190 1.61 7.60 -2.74
N TRP A 191 1.30 7.89 -3.99
CA TRP A 191 1.52 6.97 -5.10
C TRP A 191 2.90 7.18 -5.69
N GLY A 192 3.79 7.80 -4.93
CA GLY A 192 5.15 8.06 -5.39
C GLY A 192 5.94 6.81 -5.77
N LEU A 193 5.56 5.67 -5.20
CA LEU A 193 6.26 4.42 -5.51
C LEU A 193 5.41 3.49 -6.37
N ALA A 194 4.21 3.94 -6.74
CA ALA A 194 3.33 3.11 -7.57
C ALA A 194 3.94 2.88 -8.95
N GLU A 195 3.40 1.91 -9.68
CA GLU A 195 3.91 1.58 -11.01
C GLU A 195 2.84 0.83 -11.83
N PHE A 196 2.91 0.95 -13.15
CA PHE A 196 1.96 0.26 -14.02
C PHE A 196 2.39 -1.21 -14.13
N TYR A 197 1.43 -2.12 -14.18
CA TYR A 197 1.74 -3.54 -14.30
C TYR A 197 1.80 -4.00 -15.75
N HIS A 198 2.88 -4.69 -16.11
CA HIS A 198 3.06 -5.21 -17.46
C HIS A 198 3.50 -6.66 -17.31
N PRO A 199 2.74 -7.59 -17.91
CA PRO A 199 3.08 -9.02 -17.83
C PRO A 199 4.55 -9.33 -18.13
N GLY A 200 5.20 -10.03 -17.22
CA GLY A 200 6.59 -10.40 -17.42
C GLY A 200 7.65 -9.35 -17.08
N LYS A 201 7.23 -8.11 -16.89
CA LYS A 201 8.18 -7.05 -16.58
C LYS A 201 8.89 -7.25 -15.25
N GLU A 202 10.20 -7.00 -15.24
CA GLU A 202 10.99 -7.14 -14.03
C GLU A 202 11.10 -5.77 -13.38
N TYR A 203 10.51 -5.64 -12.19
CA TYR A 203 10.54 -4.38 -11.46
C TYR A 203 11.61 -4.33 -10.38
N ASN A 204 11.89 -3.13 -9.89
CA ASN A 204 12.86 -2.91 -8.84
C ASN A 204 12.23 -3.43 -7.55
N VAL A 205 12.98 -4.16 -6.75
CA VAL A 205 12.44 -4.69 -5.50
C VAL A 205 12.61 -3.70 -4.35
N ARG A 206 13.25 -2.57 -4.64
CA ARG A 206 13.46 -1.56 -3.61
C ARG A 206 12.25 -0.65 -3.49
N VAL A 207 11.10 -1.23 -3.15
CA VAL A 207 9.88 -0.46 -2.99
C VAL A 207 9.23 -0.81 -1.65
N ALA A 208 8.13 -0.13 -1.33
CA ALA A 208 7.42 -0.35 -0.07
C ALA A 208 8.33 -0.03 1.12
N SER A 209 7.79 -0.12 2.33
CA SER A 209 8.57 0.14 3.51
C SER A 209 8.88 -1.23 4.11
N ARG A 210 10.09 -1.38 4.64
CA ARG A 210 10.54 -2.65 5.18
C ARG A 210 9.54 -3.58 5.89
N TYR A 211 8.79 -3.04 6.86
CA TYR A 211 7.84 -3.86 7.61
C TYR A 211 6.72 -4.44 6.76
N PHE A 212 6.48 -3.82 5.62
CA PHE A 212 5.41 -4.26 4.75
C PHE A 212 5.93 -4.81 3.41
N LYS A 213 7.22 -5.13 3.37
CA LYS A 213 7.81 -5.68 2.15
C LYS A 213 7.46 -7.17 2.09
N GLY A 214 6.88 -7.59 0.97
CA GLY A 214 6.53 -8.98 0.82
C GLY A 214 7.73 -9.85 0.50
N PRO A 215 7.64 -11.17 0.72
CA PRO A 215 8.74 -12.11 0.45
C PRO A 215 9.35 -11.94 -0.93
N GLU A 216 8.54 -11.66 -1.92
CA GLU A 216 9.04 -11.48 -3.27
C GLU A 216 10.15 -10.42 -3.31
N LEU A 217 9.94 -9.32 -2.60
CA LEU A 217 10.94 -8.25 -2.59
C LEU A 217 12.17 -8.64 -1.79
N LEU A 218 11.95 -9.40 -0.73
CA LEU A 218 13.04 -9.82 0.15
C LEU A 218 13.91 -10.95 -0.41
N VAL A 219 13.42 -11.66 -1.44
CA VAL A 219 14.19 -12.74 -2.05
C VAL A 219 14.54 -12.42 -3.50
N ASP A 220 14.38 -11.16 -3.88
CA ASP A 220 14.67 -10.65 -5.23
C ASP A 220 13.86 -11.19 -6.40
N LEU A 221 12.60 -11.53 -6.17
CA LEU A 221 11.74 -11.99 -7.26
C LEU A 221 11.20 -10.70 -7.86
N GLN A 222 11.74 -10.33 -9.02
CA GLN A 222 11.40 -9.10 -9.71
C GLN A 222 10.09 -9.05 -10.49
N ASP A 223 9.67 -10.19 -11.04
CA ASP A 223 8.44 -10.19 -11.81
C ASP A 223 7.22 -10.36 -10.90
N TYR A 224 7.03 -9.38 -10.01
CA TYR A 224 5.90 -9.38 -9.09
C TYR A 224 4.72 -8.61 -9.65
N ASP A 225 3.62 -8.56 -8.90
CA ASP A 225 2.43 -7.89 -9.39
C ASP A 225 1.55 -7.29 -8.30
N TYR A 226 0.28 -7.06 -8.62
CA TYR A 226 -0.66 -6.48 -7.66
C TYR A 226 -0.62 -7.17 -6.30
N SER A 227 -0.35 -8.48 -6.32
CA SER A 227 -0.30 -9.29 -5.10
C SER A 227 0.66 -8.80 -4.03
N LEU A 228 1.64 -8.00 -4.44
CA LEU A 228 2.60 -7.43 -3.49
C LEU A 228 1.82 -6.58 -2.48
N ASP A 229 0.85 -5.81 -2.98
CA ASP A 229 0.04 -4.94 -2.14
C ASP A 229 -0.80 -5.72 -1.13
N MET A 230 -1.20 -6.93 -1.48
CA MET A 230 -2.03 -7.74 -0.60
C MET A 230 -1.22 -8.25 0.59
N TRP A 231 0.08 -8.49 0.40
CA TRP A 231 0.92 -8.92 1.52
C TRP A 231 1.03 -7.74 2.48
N SER A 232 1.25 -6.54 1.93
CA SER A 232 1.36 -5.33 2.73
C SER A 232 0.07 -5.16 3.54
N LEU A 233 -1.07 -5.20 2.84
CA LEU A 233 -2.36 -5.08 3.51
C LEU A 233 -2.43 -6.09 4.65
N GLY A 234 -2.01 -7.32 4.36
CA GLY A 234 -2.02 -8.38 5.36
C GLY A 234 -1.20 -8.01 6.59
N CYS A 235 -0.07 -7.33 6.39
CA CYS A 235 0.78 -6.90 7.50
C CYS A 235 0.03 -5.87 8.33
N MET A 236 -0.66 -4.95 7.66
CA MET A 236 -1.42 -3.91 8.36
C MET A 236 -2.52 -4.56 9.16
N PHE A 237 -3.26 -5.47 8.51
CA PHE A 237 -4.36 -6.16 9.14
C PHE A 237 -3.92 -6.93 10.39
N ALA A 238 -2.81 -7.65 10.27
CA ALA A 238 -2.29 -8.44 11.39
C ALA A 238 -1.91 -7.53 12.56
N GLY A 239 -1.34 -6.37 12.24
CA GLY A 239 -0.96 -5.43 13.27
C GLY A 239 -2.17 -4.87 14.01
N MET A 240 -3.25 -4.66 13.28
CA MET A 240 -4.47 -4.15 13.88
C MET A 240 -5.16 -5.15 14.82
N ILE A 241 -5.42 -6.35 14.33
CA ILE A 241 -6.10 -7.34 15.17
C ILE A 241 -5.25 -7.86 16.33
N PHE A 242 -3.95 -8.01 16.13
CA PHE A 242 -3.08 -8.49 17.20
C PHE A 242 -2.56 -7.34 18.05
N ARG A 243 -2.88 -6.12 17.65
CA ARG A 243 -2.44 -4.93 18.37
C ARG A 243 -0.92 -4.97 18.54
N LYS A 244 -0.23 -5.11 17.42
CA LYS A 244 1.22 -5.17 17.42
C LYS A 244 1.72 -4.36 16.23
N GLU A 245 2.29 -3.20 16.51
CA GLU A 245 2.80 -2.30 15.49
C GLU A 245 4.33 -2.21 15.52
N PRO A 246 5.00 -2.73 14.47
CA PRO A 246 4.42 -3.37 13.29
C PRO A 246 4.36 -4.85 13.60
N PHE A 247 3.68 -5.63 12.77
CA PHE A 247 3.59 -7.06 13.06
C PHE A 247 4.94 -7.75 12.85
N PHE A 248 5.58 -7.52 11.70
CA PHE A 248 6.87 -8.12 11.38
C PHE A 248 7.90 -7.01 11.59
N TYR A 249 8.52 -6.99 12.77
CA TYR A 249 9.48 -5.96 13.16
C TYR A 249 10.94 -6.33 12.88
N GLY A 250 11.39 -6.10 11.65
CA GLY A 250 12.76 -6.39 11.27
C GLY A 250 13.62 -5.14 11.19
N HIS A 251 14.93 -5.29 11.41
CA HIS A 251 15.83 -4.14 11.39
C HIS A 251 16.41 -3.77 10.04
N ASP A 252 16.58 -4.74 9.15
CA ASP A 252 17.07 -4.46 7.80
C ASP A 252 16.34 -5.46 6.89
N ASN A 253 16.63 -5.43 5.60
CA ASN A 253 15.96 -6.35 4.69
C ASN A 253 16.19 -7.81 5.00
N HIS A 254 17.40 -8.16 5.40
CA HIS A 254 17.69 -9.55 5.73
C HIS A 254 16.88 -10.00 6.94
N ASP A 255 16.90 -9.17 8.00
CA ASP A 255 16.19 -9.47 9.22
C ASP A 255 14.68 -9.47 9.00
N GLN A 256 14.21 -8.68 8.04
CA GLN A 256 12.78 -8.62 7.76
C GLN A 256 12.29 -9.99 7.31
N LEU A 257 13.09 -10.66 6.47
CA LEU A 257 12.74 -11.99 5.98
C LEU A 257 12.80 -13.03 7.12
N VAL A 258 13.76 -12.84 8.04
CA VAL A 258 13.91 -13.75 9.16
C VAL A 258 12.70 -13.70 10.09
N LYS A 259 12.20 -12.50 10.36
CA LYS A 259 11.04 -12.35 11.24
C LYS A 259 9.82 -13.03 10.62
N ILE A 260 9.71 -12.96 9.30
CA ILE A 260 8.61 -13.60 8.60
C ILE A 260 8.78 -15.13 8.69
N ALA A 261 10.00 -15.60 8.48
CA ALA A 261 10.28 -17.04 8.53
C ALA A 261 9.94 -17.67 9.87
N LYS A 262 10.30 -16.99 10.96
CA LYS A 262 10.02 -17.51 12.31
C LYS A 262 8.54 -17.63 12.60
N VAL A 263 7.71 -17.00 11.75
CA VAL A 263 6.26 -17.05 11.93
C VAL A 263 5.62 -18.06 10.99
N LEU A 264 5.77 -17.84 9.69
CA LEU A 264 5.17 -18.72 8.69
C LEU A 264 5.87 -20.07 8.55
N GLY A 265 7.11 -20.15 9.02
CA GLY A 265 7.84 -21.40 8.93
C GLY A 265 8.74 -21.43 7.71
N THR A 266 9.83 -22.18 7.79
CA THR A 266 10.77 -22.26 6.68
C THR A 266 10.38 -23.23 5.58
N ASP A 267 9.52 -24.21 5.87
CA ASP A 267 9.12 -25.14 4.83
C ASP A 267 8.40 -24.36 3.72
N GLY A 268 7.49 -23.49 4.13
CA GLY A 268 6.76 -22.70 3.15
C GLY A 268 7.73 -21.85 2.34
N LEU A 269 8.75 -21.33 3.00
CA LEU A 269 9.74 -20.50 2.31
C LEU A 269 10.53 -21.33 1.30
N ASN A 270 10.99 -22.50 1.72
CA ASN A 270 11.75 -23.36 0.83
C ASN A 270 10.89 -23.81 -0.35
N ALA A 271 9.62 -24.11 -0.08
CA ALA A 271 8.71 -24.51 -1.16
C ALA A 271 8.61 -23.34 -2.14
N TYR A 272 8.43 -22.14 -1.60
CA TYR A 272 8.33 -20.93 -2.41
C TYR A 272 9.56 -20.75 -3.28
N LEU A 273 10.73 -20.78 -2.66
CA LEU A 273 11.98 -20.62 -3.37
C LEU A 273 12.16 -21.65 -4.49
N ASN A 274 11.72 -22.87 -4.25
CA ASN A 274 11.87 -23.90 -5.27
C ASN A 274 10.90 -23.69 -6.43
N LYS A 275 9.66 -23.31 -6.10
CA LYS A 275 8.66 -23.07 -7.14
C LYS A 275 9.15 -22.06 -8.16
N TYR A 276 9.73 -20.96 -7.68
CA TYR A 276 10.23 -19.92 -8.58
C TYR A 276 11.72 -20.04 -8.86
N ARG A 277 12.27 -21.23 -8.62
CA ARG A 277 13.69 -21.52 -8.83
C ARG A 277 14.58 -20.37 -8.36
N ILE A 278 14.40 -19.97 -7.11
CA ILE A 278 15.20 -18.88 -6.56
C ILE A 278 16.19 -19.40 -5.51
N GLU A 279 17.40 -18.86 -5.55
CA GLU A 279 18.44 -19.23 -4.60
C GLU A 279 18.69 -18.05 -3.66
N LEU A 280 18.61 -18.33 -2.37
CA LEU A 280 18.80 -17.32 -1.36
C LEU A 280 20.29 -17.03 -1.16
N ASP A 281 20.64 -15.77 -0.92
CA ASP A 281 22.03 -15.39 -0.70
C ASP A 281 22.54 -16.22 0.49
N PRO A 282 23.72 -16.85 0.34
CA PRO A 282 24.31 -17.67 1.39
C PRO A 282 24.17 -17.07 2.78
N GLN A 283 24.45 -15.78 2.88
CA GLN A 283 24.35 -15.08 4.16
C GLN A 283 22.90 -15.13 4.64
N LEU A 284 21.99 -14.63 3.82
CA LEU A 284 20.57 -14.60 4.13
C LEU A 284 20.08 -15.99 4.53
N GLU A 285 20.40 -16.99 3.71
CA GLU A 285 20.00 -18.36 3.98
C GLU A 285 20.52 -18.82 5.34
N ALA A 286 21.64 -18.24 5.78
CA ALA A 286 22.22 -18.60 7.06
C ALA A 286 21.44 -17.96 8.20
N LEU A 287 21.10 -16.69 8.03
CA LEU A 287 20.34 -15.96 9.03
C LEU A 287 18.95 -16.57 9.22
N VAL A 288 18.28 -16.84 8.11
CA VAL A 288 16.93 -17.41 8.14
C VAL A 288 16.89 -18.71 8.94
N GLY A 289 17.92 -19.54 8.78
CA GLY A 289 17.96 -20.80 9.51
C GLY A 289 16.80 -21.71 9.18
N ARG A 290 16.23 -22.32 10.21
CA ARG A 290 15.11 -23.24 10.06
C ARG A 290 14.11 -23.03 11.19
N HIS A 291 12.85 -22.79 10.84
CA HIS A 291 11.81 -22.56 11.83
C HIS A 291 10.49 -23.23 11.48
N SER A 292 9.78 -23.70 12.50
CA SER A 292 8.49 -24.33 12.29
C SER A 292 7.45 -23.23 12.18
N ARG A 293 6.32 -23.55 11.56
CA ARG A 293 5.25 -22.56 11.41
C ARG A 293 4.56 -22.33 12.74
N LYS A 294 4.31 -21.07 13.06
CA LYS A 294 3.65 -20.69 14.30
C LYS A 294 2.18 -20.33 14.07
N PRO A 295 1.26 -21.08 14.69
CA PRO A 295 -0.18 -20.83 14.54
C PRO A 295 -0.53 -19.40 14.88
N TRP A 296 -1.42 -18.80 14.09
CA TRP A 296 -1.84 -17.42 14.31
C TRP A 296 -2.39 -17.14 15.72
N LEU A 297 -2.95 -18.17 16.35
CA LEU A 297 -3.52 -17.98 17.68
C LEU A 297 -2.48 -17.79 18.80
N LYS A 298 -1.25 -18.20 18.54
CA LYS A 298 -0.20 -18.03 19.54
C LYS A 298 0.13 -16.55 19.72
N PHE A 299 -0.48 -15.71 18.91
CA PHE A 299 -0.25 -14.27 18.98
C PHE A 299 -1.38 -13.55 19.71
N MET A 300 -2.38 -14.31 20.13
CA MET A 300 -3.51 -13.74 20.85
C MET A 300 -3.20 -13.57 22.32
N ASN A 301 -3.71 -12.48 22.90
CA ASN A 301 -3.53 -12.16 24.30
C ASN A 301 -4.69 -11.29 24.78
N ALA A 302 -4.76 -11.04 26.09
CA ALA A 302 -5.84 -10.25 26.67
C ALA A 302 -6.01 -8.86 26.05
N ASP A 303 -5.04 -8.39 25.30
CA ASP A 303 -5.13 -7.08 24.66
C ASP A 303 -5.79 -7.14 23.28
N ASN A 304 -5.74 -8.31 22.65
CA ASN A 304 -6.30 -8.46 21.32
C ASN A 304 -7.36 -9.56 21.19
N GLN A 305 -7.71 -10.18 22.31
CA GLN A 305 -8.71 -11.24 22.31
C GLN A 305 -10.00 -10.79 21.65
N HIS A 306 -10.40 -9.55 21.91
CA HIS A 306 -11.65 -9.01 21.36
C HIS A 306 -11.56 -8.66 19.88
N LEU A 307 -10.49 -9.09 19.21
CA LEU A 307 -10.31 -8.79 17.79
C LEU A 307 -9.86 -9.98 16.94
N VAL A 308 -9.37 -11.02 17.58
CA VAL A 308 -8.86 -12.19 16.86
C VAL A 308 -9.87 -13.33 16.62
N SER A 309 -11.08 -12.98 16.19
CA SER A 309 -12.11 -13.98 15.91
C SER A 309 -11.65 -14.91 14.79
N PRO A 310 -12.26 -16.11 14.70
CA PRO A 310 -11.90 -17.11 13.68
C PRO A 310 -11.97 -16.61 12.23
N GLU A 311 -12.88 -15.69 11.93
CA GLU A 311 -13.00 -15.15 10.58
C GLU A 311 -11.78 -14.27 10.29
N ALA A 312 -11.30 -13.58 11.32
CA ALA A 312 -10.14 -12.71 11.18
C ALA A 312 -8.90 -13.53 10.84
N ILE A 313 -8.72 -14.63 11.56
CA ILE A 313 -7.58 -15.52 11.34
C ILE A 313 -7.63 -16.16 9.95
N ASP A 314 -8.80 -16.67 9.56
CA ASP A 314 -8.92 -17.29 8.24
C ASP A 314 -8.58 -16.26 7.17
N PHE A 315 -9.09 -15.05 7.32
CA PHE A 315 -8.83 -13.99 6.37
C PHE A 315 -7.34 -13.63 6.31
N LEU A 316 -6.74 -13.36 7.47
CA LEU A 316 -5.32 -13.01 7.53
C LEU A 316 -4.48 -14.12 6.93
N ASP A 317 -4.84 -15.36 7.24
CA ASP A 317 -4.08 -16.50 6.76
C ASP A 317 -4.00 -16.57 5.24
N LYS A 318 -5.06 -16.15 4.58
CA LYS A 318 -5.11 -16.18 3.12
C LYS A 318 -4.39 -15.00 2.48
N LEU A 319 -3.97 -14.04 3.30
CA LEU A 319 -3.25 -12.89 2.78
C LEU A 319 -1.75 -13.10 2.95
N LEU A 320 -1.34 -13.48 4.15
CA LEU A 320 0.07 -13.69 4.41
C LEU A 320 0.58 -15.06 3.95
N ARG A 321 0.76 -15.21 2.64
CA ARG A 321 1.27 -16.44 2.04
C ARG A 321 2.57 -16.06 1.33
N TYR A 322 3.59 -16.89 1.46
CA TYR A 322 4.87 -16.64 0.80
C TYR A 322 4.63 -16.45 -0.69
N ASP A 323 3.96 -17.43 -1.29
CA ASP A 323 3.67 -17.38 -2.72
C ASP A 323 2.67 -16.28 -3.01
N HIS A 324 3.12 -15.24 -3.69
CA HIS A 324 2.27 -14.12 -4.03
C HIS A 324 1.07 -14.57 -4.88
N GLN A 325 1.22 -15.66 -5.61
CA GLN A 325 0.15 -16.17 -6.45
C GLN A 325 -0.94 -16.88 -5.65
N GLU A 326 -0.63 -17.22 -4.41
CA GLU A 326 -1.59 -17.88 -3.54
C GLU A 326 -2.49 -16.88 -2.81
N ARG A 327 -1.99 -15.67 -2.58
CA ARG A 327 -2.75 -14.66 -1.85
C ARG A 327 -4.05 -14.28 -2.52
N LEU A 328 -5.03 -13.92 -1.70
CA LEU A 328 -6.32 -13.49 -2.21
C LEU A 328 -6.10 -12.20 -3.00
N THR A 329 -6.95 -11.97 -3.98
CA THR A 329 -6.89 -10.76 -4.78
C THR A 329 -7.71 -9.75 -3.97
N ALA A 330 -7.61 -8.47 -4.29
CA ALA A 330 -8.37 -7.46 -3.57
C ALA A 330 -9.86 -7.76 -3.68
N LEU A 331 -10.31 -8.17 -4.87
CA LEU A 331 -11.71 -8.48 -5.10
C LEU A 331 -12.17 -9.65 -4.24
N GLU A 332 -11.34 -10.69 -4.16
CA GLU A 332 -11.68 -11.86 -3.34
C GLU A 332 -11.74 -11.49 -1.86
N ALA A 333 -10.76 -10.71 -1.41
CA ALA A 333 -10.68 -10.29 -0.02
C ALA A 333 -11.97 -9.61 0.43
N MET A 334 -12.51 -8.76 -0.42
CA MET A 334 -13.73 -8.02 -0.14
C MET A 334 -14.96 -8.91 0.07
N THR A 335 -14.97 -10.06 -0.59
CA THR A 335 -16.09 -10.98 -0.48
C THR A 335 -15.93 -11.97 0.68
N HIS A 336 -14.78 -11.98 1.33
CA HIS A 336 -14.59 -12.91 2.45
C HIS A 336 -15.66 -12.66 3.52
N PRO A 337 -16.23 -13.73 4.09
CA PRO A 337 -17.28 -13.58 5.11
C PRO A 337 -16.90 -12.63 6.24
N TYR A 338 -15.60 -12.49 6.50
CA TYR A 338 -15.14 -11.59 7.55
C TYR A 338 -15.79 -10.21 7.40
N PHE A 339 -15.98 -9.78 6.16
CA PHE A 339 -16.59 -8.47 5.87
C PHE A 339 -18.09 -8.49 5.66
N GLN A 340 -18.70 -9.66 5.84
CA GLN A 340 -20.13 -9.82 5.63
C GLN A 340 -21.02 -8.71 6.19
N GLN A 341 -20.78 -8.24 7.41
CA GLN A 341 -21.64 -7.18 7.95
C GLN A 341 -21.38 -5.82 7.30
N VAL A 342 -20.13 -5.58 6.92
CA VAL A 342 -19.79 -4.31 6.28
C VAL A 342 -20.51 -4.26 4.93
N ARG A 343 -20.53 -5.39 4.22
CA ARG A 343 -21.20 -5.43 2.92
C ARG A 343 -22.70 -5.26 3.11
N ALA A 344 -23.27 -5.95 4.10
CA ALA A 344 -24.70 -5.84 4.36
C ALA A 344 -25.13 -4.40 4.65
N ALA A 345 -24.34 -3.70 5.46
CA ALA A 345 -24.66 -2.33 5.80
C ALA A 345 -24.60 -1.47 4.54
N GLU A 346 -23.58 -1.71 3.72
CA GLU A 346 -23.42 -0.95 2.50
C GLU A 346 -24.60 -1.16 1.54
N ASN A 347 -25.06 -2.41 1.44
CA ASN A 347 -26.19 -2.71 0.55
C ASN A 347 -27.54 -2.53 1.25
N SER A 348 -27.66 -1.46 2.03
CA SER A 348 -28.89 -1.15 2.75
C SER A 348 -29.30 0.30 2.54
N01 P19 B . -4.91 14.27 3.12
C02 P19 B . -5.04 13.99 1.81
C03 P19 B . -3.78 13.63 1.32
C04 P19 B . -2.88 13.71 2.45
N05 P19 B . -3.61 14.11 3.53
N06 P19 B . -1.56 13.50 2.58
C07 P19 B . -1.02 13.69 3.77
N08 P19 B . -1.72 14.08 4.84
C09 P19 B . -3.03 14.29 4.70
N10 P19 B . -3.76 14.68 5.77
C11 P19 B . -3.28 14.89 7.04
C12 P19 B . -2.34 14.04 7.62
C13 P19 B . -1.90 14.24 8.94
C14 P19 B . -2.41 15.31 9.67
C15 P19 B . -3.34 16.16 9.08
C16 P19 B . -3.77 15.96 7.77
N17 P19 B . 0.33 13.49 3.89
C18 P19 B . 0.96 12.96 4.96
C19 P19 B . 0.51 13.12 6.28
C20 P19 B . 1.19 12.56 7.37
C21 P19 B . 2.34 11.82 7.13
C22 P19 B . 2.82 11.68 5.82
C23 P19 B . 2.14 12.24 4.75
#